data_5JBJ
#
_entry.id   5JBJ
#
_cell.length_a   90.090
_cell.length_b   90.090
_cell.length_c   196.730
_cell.angle_alpha   90.00
_cell.angle_beta   90.00
_cell.angle_gamma   120.00
#
_symmetry.space_group_name_H-M   'P 64'
#
loop_
_entity.id
_entity.type
_entity.pdbx_description
1 polymer LGP2
2 polymer "RNA (5'-R(P*GP*GP*UP*AP*GP*CP*GP*CP*UP*AP*CP*C)-3')"
3 non-polymer 'ZINC ION'
#
loop_
_entity_poly.entity_id
_entity_poly.type
_entity_poly.pdbx_seq_one_letter_code
_entity_poly.pdbx_strand_id
1 'polypeptide(L)'
;GAMGGGSELHGYQLEAVAPALRGRNSIVWLPTGAGKTRAAVHVCRRHLEGRRGGRVAVLVNKVHLVQQHLEKEFHVLRDA
FKVTAVSGDSSHKCFFGQLAKGSDVVICTAQILQNALLSGEEEARVELTDFSLLVIDECHHTQKEAVYNKIMLSYLQKKL
SGQRDLPQILGLTASPGTGGETSFEGAVEHILQICANLDTEVIASAQEHAQHLQSHVPQPTKQYDLCQEREQDPFGQRLK
KIMAQIQEHMEMPELPQNFGTQVYEQRIVELENRAAERFCRKTRVCALHLRRYNDALLINDTVRMMDAFQCLQQFYADKR
DTKDPTERFLATTFEENRATLQALAGDQRYENPRLSKLEEILQEHFQPPGSSRGIVFTKTRQSAHSLLSWLQDTAGLCGQ
HIRAAVLTGSGHSNQAKGMTQNEQQDVITLFRYGELNLLFSTSVAEEGLDIPECNIVVRYGLMTNEIAMVQAQGRARAQN
SMYSVLAKANSREVYREQLNESLVGLMERAIRAVQAMPERKYRLKIVELQRNAVLSWQVKEARSSERRQLHDPDDVYFHC
VNCNVAVCRGSDIRTVEAMHHVNINPNFRFYYTVSSGKIHFERTFRDWEPGCRIVCSECRQEWGMEMIYRNVTLPILSIK
NFVVVTPDEKKKYKKWSTVTFPIEEFSYLEYCSSTQDESL
;
A
2 'polyribonucleotide' GGUAGCGCUACC X,Y
#
# COMPACT_ATOMS: atom_id res chain seq x y z
N SER A 7 -25.39 6.00 26.24
CA SER A 7 -25.09 5.40 24.89
C SER A 7 -25.28 3.89 24.87
N GLU A 8 -26.47 3.45 25.30
CA GLU A 8 -26.85 2.03 25.28
C GLU A 8 -27.14 1.60 23.84
N LEU A 9 -26.95 0.30 23.56
CA LEU A 9 -27.15 -0.24 22.21
C LEU A 9 -28.55 0.00 21.64
N HIS A 10 -28.62 0.12 20.32
CA HIS A 10 -29.88 0.26 19.60
C HIS A 10 -30.46 -1.13 19.30
N GLY A 11 -31.65 -1.16 18.69
CA GLY A 11 -32.30 -2.41 18.32
C GLY A 11 -31.56 -3.16 17.22
N TYR A 12 -31.21 -2.44 16.15
CA TYR A 12 -30.48 -3.03 15.01
C TYR A 12 -29.12 -3.61 15.38
N GLN A 13 -28.44 -2.98 16.35
CA GLN A 13 -27.19 -3.52 16.91
C GLN A 13 -27.44 -4.84 17.65
N LEU A 14 -28.49 -4.87 18.47
CA LEU A 14 -28.86 -6.08 19.23
C LEU A 14 -29.31 -7.24 18.33
N GLU A 15 -30.04 -6.93 17.27
CA GLU A 15 -30.46 -7.94 16.28
C GLU A 15 -29.29 -8.48 15.47
N ALA A 16 -28.34 -7.60 15.14
CA ALA A 16 -27.14 -7.97 14.37
C ALA A 16 -26.22 -8.93 15.13
N VAL A 17 -26.01 -8.68 16.41
CA VAL A 17 -25.16 -9.55 17.25
C VAL A 17 -25.82 -10.88 17.71
N ALA A 18 -27.14 -11.01 17.55
CA ALA A 18 -27.87 -12.20 18.02
C ALA A 18 -27.29 -13.56 17.58
N PRO A 19 -26.91 -13.70 16.28
CA PRO A 19 -26.27 -14.95 15.84
C PRO A 19 -24.88 -15.21 16.45
N ALA A 20 -24.14 -14.12 16.72
CA ALA A 20 -22.82 -14.22 17.35
C ALA A 20 -22.90 -14.69 18.81
N LEU A 21 -23.92 -14.22 19.55
CA LEU A 21 -24.11 -14.58 20.96
C LEU A 21 -24.45 -16.06 21.18
N ARG A 22 -25.14 -16.67 20.21
CA ARG A 22 -25.43 -18.11 20.24
C ARG A 22 -24.20 -19.00 19.97
N GLY A 23 -23.10 -18.40 19.51
CA GLY A 23 -21.83 -19.10 19.31
C GLY A 23 -21.50 -19.42 17.85
N ARG A 24 -22.17 -18.78 16.91
CA ARG A 24 -22.01 -19.05 15.48
C ARG A 24 -20.99 -18.09 14.85
N ASN A 25 -20.32 -18.56 13.79
CA ASN A 25 -19.47 -17.69 12.97
C ASN A 25 -20.36 -16.78 12.14
N SER A 26 -20.13 -15.46 12.23
CA SER A 26 -20.98 -14.49 11.55
C SER A 26 -20.17 -13.36 10.89
N ILE A 27 -20.85 -12.65 9.98
CA ILE A 27 -20.35 -11.38 9.43
C ILE A 27 -21.43 -10.33 9.72
N VAL A 28 -21.12 -9.39 10.61
CA VAL A 28 -22.05 -8.32 10.98
C VAL A 28 -22.00 -7.19 9.94
N TRP A 29 -22.92 -7.24 8.99
CA TRP A 29 -23.03 -6.22 7.94
C TRP A 29 -23.92 -5.07 8.40
N LEU A 30 -23.29 -3.94 8.73
CA LEU A 30 -24.00 -2.69 9.05
C LEU A 30 -23.35 -1.52 8.31
N PRO A 31 -24.12 -0.45 8.01
CA PRO A 31 -23.55 0.76 7.38
C PRO A 31 -22.37 1.40 8.12
N THR A 32 -21.59 2.21 7.38
CA THR A 32 -20.41 2.88 7.92
C THR A 32 -20.77 3.89 9.01
N GLY A 33 -20.18 3.71 10.20
CA GLY A 33 -20.49 4.55 11.35
C GLY A 33 -21.84 4.29 12.00
N ALA A 34 -22.40 3.10 11.76
CA ALA A 34 -23.63 2.67 12.43
C ALA A 34 -23.35 2.30 13.88
N GLY A 35 -22.17 1.72 14.12
CA GLY A 35 -21.69 1.35 15.46
C GLY A 35 -21.32 -0.11 15.58
N LYS A 36 -20.49 -0.60 14.66
CA LYS A 36 -20.08 -2.01 14.64
C LYS A 36 -19.09 -2.34 15.75
N THR A 37 -18.31 -1.33 16.18
CA THR A 37 -17.31 -1.52 17.23
C THR A 37 -17.94 -1.62 18.62
N ARG A 38 -18.98 -0.82 18.88
CA ARG A 38 -19.73 -0.91 20.15
C ARG A 38 -20.49 -2.24 20.25
N ALA A 39 -21.04 -2.70 19.13
CA ALA A 39 -21.71 -4.01 19.07
C ALA A 39 -20.76 -5.17 19.32
N ALA A 40 -19.52 -5.03 18.85
CA ALA A 40 -18.47 -6.04 19.10
C ALA A 40 -18.11 -6.16 20.58
N VAL A 41 -18.05 -5.03 21.28
CA VAL A 41 -17.75 -5.00 22.72
C VAL A 41 -18.77 -5.82 23.51
N HIS A 42 -20.05 -5.65 23.18
CA HIS A 42 -21.15 -6.40 23.83
C HIS A 42 -21.06 -7.91 23.60
N VAL A 43 -20.62 -8.31 22.40
CA VAL A 43 -20.39 -9.72 22.09
C VAL A 43 -19.21 -10.24 22.91
N CYS A 44 -18.16 -9.43 23.03
CA CYS A 44 -16.96 -9.79 23.78
C CYS A 44 -17.21 -9.97 25.28
N ARG A 45 -18.02 -9.09 25.88
CA ARG A 45 -18.40 -9.19 27.29
C ARG A 45 -19.24 -10.44 27.53
N ARG A 46 -20.29 -10.60 26.71
CA ARG A 46 -21.16 -11.78 26.77
C ARG A 46 -20.43 -13.10 26.49
N HIS A 47 -19.34 -13.05 25.71
CA HIS A 47 -18.47 -14.20 25.48
C HIS A 47 -17.63 -14.52 26.72
N LEU A 48 -16.94 -13.50 27.23
CA LEU A 48 -16.04 -13.66 28.38
C LEU A 48 -16.79 -13.97 29.68
N GLU A 49 -17.97 -13.40 29.86
CA GLU A 49 -18.84 -13.72 31.00
C GLU A 49 -19.32 -15.18 31.00
N GLY A 50 -19.56 -15.73 29.81
CA GLY A 50 -20.09 -17.09 29.66
C GLY A 50 -19.16 -18.26 29.94
N ARG A 51 -17.86 -18.01 30.08
CA ARG A 51 -16.88 -19.08 30.29
C ARG A 51 -15.65 -18.62 31.06
N ARG A 52 -14.78 -19.57 31.40
CA ARG A 52 -13.45 -19.30 31.95
C ARG A 52 -12.39 -19.81 30.99
N GLY A 53 -11.21 -19.21 31.07
CA GLY A 53 -10.15 -19.40 30.07
C GLY A 53 -10.49 -18.76 28.73
N GLY A 54 -11.42 -17.80 28.74
CA GLY A 54 -11.88 -17.14 27.53
C GLY A 54 -10.89 -16.09 27.11
N ARG A 55 -10.72 -15.94 25.80
CA ARG A 55 -9.75 -14.99 25.24
C ARG A 55 -10.21 -14.45 23.89
N VAL A 56 -9.94 -13.16 23.67
CA VAL A 56 -10.38 -12.44 22.48
C VAL A 56 -9.17 -11.81 21.77
N ALA A 57 -9.12 -11.97 20.46
CA ALA A 57 -8.19 -11.24 19.60
C ALA A 57 -9.01 -10.38 18.67
N VAL A 58 -8.82 -9.07 18.73
CA VAL A 58 -9.51 -8.13 17.85
C VAL A 58 -8.53 -7.71 16.76
N LEU A 59 -8.79 -8.11 15.53
CA LEU A 59 -7.88 -7.90 14.40
C LEU A 59 -8.29 -6.71 13.52
N VAL A 60 -7.71 -5.56 13.81
CA VAL A 60 -7.79 -4.38 12.95
C VAL A 60 -6.81 -4.53 11.78
N ASN A 61 -6.92 -3.63 10.80
CA ASN A 61 -5.99 -3.59 9.65
C ASN A 61 -5.28 -2.24 9.46
N LYS A 62 -5.39 -1.33 10.44
CA LYS A 62 -4.68 -0.05 10.42
C LYS A 62 -4.10 0.19 11.82
N VAL A 63 -2.96 0.87 11.88
CA VAL A 63 -2.28 1.18 13.14
C VAL A 63 -3.13 2.10 14.02
N HIS A 64 -3.77 3.10 13.41
CA HIS A 64 -4.63 4.04 14.14
C HIS A 64 -5.86 3.39 14.80
N LEU A 65 -6.37 2.31 14.20
CA LEU A 65 -7.55 1.61 14.75
C LEU A 65 -7.31 0.82 16.04
N VAL A 66 -6.05 0.52 16.37
CA VAL A 66 -5.72 -0.22 17.61
C VAL A 66 -6.09 0.65 18.81
N GLN A 67 -5.52 1.85 18.87
CA GLN A 67 -5.76 2.78 19.98
C GLN A 67 -7.13 3.48 19.88
N GLN A 68 -7.70 3.58 18.68
CA GLN A 68 -9.05 4.16 18.51
C GLN A 68 -10.10 3.28 19.18
N HIS A 69 -10.07 1.99 18.89
CA HIS A 69 -11.01 1.03 19.49
C HIS A 69 -10.93 0.97 21.01
N LEU A 70 -9.70 1.04 21.54
CA LEU A 70 -9.49 1.01 23.00
C LEU A 70 -10.16 2.19 23.70
N GLU A 71 -9.75 3.41 23.35
CA GLU A 71 -10.23 4.62 24.03
C GLU A 71 -11.72 4.91 23.83
N LYS A 72 -12.22 4.65 22.61
CA LYS A 72 -13.62 4.91 22.29
C LYS A 72 -14.56 3.83 22.84
N GLU A 73 -14.18 2.56 22.69
CA GLU A 73 -15.09 1.44 22.93
C GLU A 73 -14.60 0.44 23.99
N PHE A 74 -13.53 -0.28 23.68
CA PHE A 74 -13.11 -1.46 24.47
C PHE A 74 -12.57 -1.21 25.89
N HIS A 75 -12.30 0.06 26.26
CA HIS A 75 -11.88 0.39 27.63
C HIS A 75 -12.96 0.08 28.68
N VAL A 76 -14.23 0.11 28.28
CA VAL A 76 -15.34 -0.22 29.17
C VAL A 76 -15.28 -1.66 29.72
N LEU A 77 -14.67 -2.57 28.97
CA LEU A 77 -14.48 -3.95 29.43
C LEU A 77 -13.46 -4.13 30.57
N ARG A 78 -12.64 -3.12 30.82
CA ARG A 78 -11.58 -3.21 31.85
C ARG A 78 -12.07 -3.35 33.30
N ASP A 79 -13.31 -2.94 33.57
CA ASP A 79 -13.95 -3.14 34.88
C ASP A 79 -13.92 -4.62 35.34
N ALA A 80 -14.11 -5.54 34.40
CA ALA A 80 -14.14 -6.98 34.67
C ALA A 80 -12.91 -7.73 34.16
N PHE A 81 -12.43 -7.41 32.96
CA PHE A 81 -11.41 -8.19 32.26
C PHE A 81 -10.21 -7.35 31.83
N LYS A 82 -9.03 -7.95 31.81
CA LYS A 82 -7.80 -7.25 31.40
C LYS A 82 -7.73 -7.11 29.88
N VAL A 83 -7.56 -5.88 29.41
CA VAL A 83 -7.42 -5.56 27.99
C VAL A 83 -6.10 -4.81 27.75
N THR A 84 -5.36 -5.23 26.72
CA THR A 84 -4.08 -4.60 26.35
C THR A 84 -4.01 -4.34 24.84
N ALA A 85 -3.32 -3.26 24.47
CA ALA A 85 -3.18 -2.84 23.07
C ALA A 85 -1.78 -3.15 22.54
N VAL A 86 -1.71 -3.75 21.36
CA VAL A 86 -0.44 -4.08 20.71
C VAL A 86 -0.46 -3.54 19.29
N SER A 87 0.58 -2.79 18.93
CA SER A 87 0.67 -2.13 17.63
C SER A 87 2.11 -2.23 17.10
N GLY A 88 2.37 -1.58 15.97
CA GLY A 88 3.72 -1.53 15.41
C GLY A 88 4.68 -0.67 16.23
N ASP A 89 4.19 0.46 16.73
CA ASP A 89 5.02 1.43 17.45
C ASP A 89 5.50 0.95 18.82
N SER A 90 4.65 0.19 19.52
CA SER A 90 4.97 -0.33 20.86
C SER A 90 5.33 -1.83 20.86
N SER A 91 5.89 -2.32 19.75
CA SER A 91 6.11 -3.76 19.53
C SER A 91 7.35 -4.30 20.25
N HIS A 92 8.43 -3.54 20.23
CA HIS A 92 9.76 -4.03 20.62
C HIS A 92 10.01 -4.30 22.12
N LYS A 93 9.11 -3.84 23.00
CA LYS A 93 9.32 -3.92 24.45
C LYS A 93 9.12 -5.33 25.02
N CYS A 94 7.89 -5.84 24.95
CA CYS A 94 7.55 -7.19 25.45
C CYS A 94 7.28 -8.17 24.31
N PHE A 95 7.39 -9.45 24.63
CA PHE A 95 7.05 -10.53 23.69
C PHE A 95 5.53 -10.64 23.63
N PHE A 96 5.00 -10.96 22.45
CA PHE A 96 3.55 -11.03 22.25
C PHE A 96 2.91 -12.22 22.99
N GLY A 97 3.56 -13.38 22.91
CA GLY A 97 3.05 -14.60 23.55
C GLY A 97 2.76 -14.43 25.04
N GLN A 98 3.66 -13.77 25.75
CA GLN A 98 3.45 -13.44 27.17
C GLN A 98 2.31 -12.45 27.35
N LEU A 99 2.35 -11.37 26.56
CA LEU A 99 1.37 -10.27 26.66
C LEU A 99 -0.05 -10.70 26.27
N ALA A 100 -0.16 -11.51 25.22
CA ALA A 100 -1.44 -12.02 24.75
C ALA A 100 -2.05 -13.02 25.72
N LYS A 101 -1.22 -13.92 26.24
CA LYS A 101 -1.65 -14.90 27.23
C LYS A 101 -1.98 -14.27 28.58
N GLY A 102 -1.31 -13.17 28.91
CA GLY A 102 -1.60 -12.41 30.13
C GLY A 102 -2.90 -11.61 30.14
N SER A 103 -3.48 -11.37 28.95
CA SER A 103 -4.68 -10.55 28.81
C SER A 103 -5.92 -11.38 28.43
N ASP A 104 -7.09 -10.81 28.72
CA ASP A 104 -8.37 -11.39 28.33
C ASP A 104 -8.78 -10.95 26.92
N VAL A 105 -8.42 -9.73 26.54
CA VAL A 105 -8.66 -9.20 25.20
C VAL A 105 -7.38 -8.57 24.65
N VAL A 106 -7.08 -8.84 23.38
CA VAL A 106 -5.89 -8.30 22.70
C VAL A 106 -6.34 -7.59 21.41
N ILE A 107 -6.20 -6.26 21.37
CA ILE A 107 -6.52 -5.49 20.17
C ILE A 107 -5.21 -5.24 19.44
N CYS A 108 -5.10 -5.78 18.21
CA CYS A 108 -3.86 -5.62 17.43
C CYS A 108 -4.07 -5.69 15.92
N THR A 109 -3.13 -5.11 15.17
CA THR A 109 -3.07 -5.26 13.72
C THR A 109 -2.79 -6.72 13.39
N ALA A 110 -3.47 -7.23 12.34
CA ALA A 110 -3.51 -8.68 12.08
C ALA A 110 -2.16 -9.37 11.93
N GLN A 111 -1.16 -8.66 11.41
CA GLN A 111 0.15 -9.25 11.18
C GLN A 111 0.95 -9.53 12.45
N ILE A 112 0.62 -8.83 13.54
CA ILE A 112 1.22 -9.12 14.85
C ILE A 112 0.90 -10.57 15.23
N LEU A 113 -0.40 -10.90 15.25
CA LEU A 113 -0.86 -12.27 15.51
C LEU A 113 -0.26 -13.29 14.52
N GLN A 114 -0.22 -12.94 13.25
CA GLN A 114 0.33 -13.82 12.21
C GLN A 114 1.82 -14.09 12.41
N ASN A 115 2.55 -13.08 12.88
CA ASN A 115 3.96 -13.26 13.25
C ASN A 115 4.07 -14.19 14.45
N ALA A 116 3.28 -13.89 15.48
CA ALA A 116 3.20 -14.73 16.70
C ALA A 116 2.80 -16.18 16.40
N LEU A 117 1.92 -16.37 15.42
CA LEU A 117 1.50 -17.71 14.99
C LEU A 117 2.62 -18.51 14.29
N LEU A 118 3.59 -17.80 13.70
CA LEU A 118 4.72 -18.42 13.00
C LEU A 118 6.05 -18.42 13.78
N SER A 119 6.12 -17.66 14.88
CA SER A 119 7.40 -17.37 15.57
C SER A 119 8.09 -18.62 16.12
N GLY A 120 9.42 -18.65 15.99
CA GLY A 120 10.25 -19.75 16.49
C GLY A 120 10.53 -19.69 17.98
N GLU A 121 10.71 -18.48 18.51
CA GLU A 121 10.95 -18.26 19.94
C GLU A 121 9.72 -18.64 20.77
N GLU A 122 9.94 -19.38 21.85
CA GLU A 122 8.85 -19.89 22.69
C GLU A 122 8.09 -18.80 23.44
N GLU A 123 8.77 -17.71 23.77
CA GLU A 123 8.14 -16.58 24.46
C GLU A 123 7.28 -15.73 23.52
N ALA A 124 7.68 -15.66 22.24
CA ALA A 124 6.92 -14.93 21.21
C ALA A 124 5.82 -15.77 20.53
N ARG A 125 5.84 -17.09 20.74
CA ARG A 125 4.92 -18.03 20.09
C ARG A 125 3.46 -17.83 20.52
N VAL A 126 2.54 -18.23 19.65
CA VAL A 126 1.11 -18.31 19.95
C VAL A 126 0.44 -19.32 18.99
N GLU A 127 -0.78 -19.74 19.32
CA GLU A 127 -1.57 -20.64 18.49
C GLU A 127 -3.00 -20.13 18.35
N LEU A 128 -3.74 -20.70 17.41
CA LEU A 128 -5.15 -20.37 17.21
C LEU A 128 -6.03 -20.87 18.35
N THR A 129 -5.68 -22.05 18.88
CA THR A 129 -6.38 -22.66 20.02
C THR A 129 -6.29 -21.83 21.32
N ASP A 130 -5.29 -20.96 21.41
CA ASP A 130 -5.14 -20.04 22.54
C ASP A 130 -6.26 -19.00 22.63
N PHE A 131 -6.89 -18.68 21.50
CA PHE A 131 -8.02 -17.74 21.45
C PHE A 131 -9.34 -18.48 21.23
N SER A 132 -10.43 -17.87 21.71
CA SER A 132 -11.79 -18.42 21.57
C SER A 132 -12.81 -17.46 20.94
N LEU A 133 -12.35 -16.30 20.44
CA LEU A 133 -13.19 -15.38 19.68
C LEU A 133 -12.33 -14.39 18.90
N LEU A 134 -12.22 -14.58 17.59
CA LEU A 134 -11.55 -13.61 16.73
C LEU A 134 -12.56 -12.55 16.29
N VAL A 135 -12.19 -11.28 16.43
CA VAL A 135 -13.02 -10.16 15.96
C VAL A 135 -12.28 -9.47 14.81
N ILE A 136 -12.53 -9.93 13.59
CA ILE A 136 -11.84 -9.44 12.39
C ILE A 136 -12.57 -8.21 11.84
N ASP A 137 -12.08 -7.02 12.21
CA ASP A 137 -12.68 -5.75 11.78
C ASP A 137 -12.31 -5.47 10.32
N GLU A 138 -13.31 -5.06 9.53
CA GLU A 138 -13.18 -4.91 8.06
C GLU A 138 -12.87 -6.27 7.41
N CYS A 139 -13.70 -7.26 7.74
CA CYS A 139 -13.49 -8.66 7.32
C CYS A 139 -13.53 -8.93 5.81
N HIS A 140 -14.09 -8.00 5.03
CA HIS A 140 -14.10 -8.10 3.56
C HIS A 140 -12.72 -8.21 2.90
N HIS A 141 -11.68 -7.69 3.57
CA HIS A 141 -10.28 -7.87 3.13
C HIS A 141 -9.78 -9.32 3.20
N THR A 142 -10.46 -10.18 3.97
CA THR A 142 -10.12 -11.60 4.08
C THR A 142 -10.33 -12.32 2.74
N GLN A 143 -9.35 -12.17 1.85
CA GLN A 143 -9.39 -12.76 0.51
C GLN A 143 -8.00 -12.76 -0.11
N LYS A 144 -7.84 -13.58 -1.15
CA LYS A 144 -6.57 -13.72 -1.88
C LYS A 144 -5.43 -14.10 -0.90
N GLU A 145 -4.26 -13.47 -1.02
CA GLU A 145 -3.15 -13.75 -0.11
C GLU A 145 -2.90 -12.59 0.85
N ALA A 146 -3.98 -12.01 1.37
CA ALA A 146 -3.88 -10.98 2.41
C ALA A 146 -3.57 -11.63 3.75
N VAL A 147 -3.23 -10.82 4.74
CA VAL A 147 -2.81 -11.32 6.06
C VAL A 147 -3.99 -11.99 6.76
N TYR A 148 -5.08 -11.24 6.87
CA TYR A 148 -6.39 -11.77 7.32
C TYR A 148 -6.67 -13.17 6.80
N ASN A 149 -6.53 -13.33 5.49
CA ASN A 149 -6.85 -14.59 4.83
C ASN A 149 -5.85 -15.69 5.16
N LYS A 150 -4.57 -15.34 5.26
CA LYS A 150 -3.54 -16.33 5.62
C LYS A 150 -3.66 -16.84 7.06
N ILE A 151 -4.15 -15.98 7.97
CA ILE A 151 -4.50 -16.41 9.34
C ILE A 151 -5.66 -17.41 9.24
N MET A 152 -6.77 -16.98 8.64
CA MET A 152 -7.97 -17.80 8.47
C MET A 152 -7.79 -19.03 7.57
N LEU A 153 -6.79 -19.02 6.69
CA LEU A 153 -6.52 -20.18 5.83
C LEU A 153 -5.87 -21.31 6.62
N SER A 154 -5.09 -20.97 7.65
CA SER A 154 -4.57 -21.95 8.63
C SER A 154 -5.71 -22.50 9.50
N TYR A 155 -6.62 -21.61 9.90
CA TYR A 155 -7.86 -21.97 10.59
C TYR A 155 -8.65 -23.03 9.82
N LEU A 156 -8.74 -22.88 8.50
CA LEU A 156 -9.43 -23.85 7.63
C LEU A 156 -8.65 -25.16 7.44
N GLN A 157 -7.35 -25.06 7.21
CA GLN A 157 -6.48 -26.25 7.08
C GLN A 157 -6.56 -27.14 8.33
N LYS A 158 -6.60 -26.51 9.50
CA LYS A 158 -6.77 -27.22 10.76
C LYS A 158 -8.19 -27.77 10.91
N LYS A 159 -9.19 -26.92 10.67
CA LYS A 159 -10.60 -27.33 10.72
C LYS A 159 -10.86 -28.59 9.89
N LEU A 160 -10.41 -28.56 8.63
CA LEU A 160 -10.62 -29.68 7.70
C LEU A 160 -9.79 -30.95 8.01
N SER A 161 -8.77 -30.81 8.86
CA SER A 161 -7.98 -31.97 9.34
C SER A 161 -8.45 -32.50 10.72
N GLY A 162 -9.71 -32.24 11.08
CA GLY A 162 -10.29 -32.75 12.33
C GLY A 162 -9.84 -32.06 13.60
N GLN A 163 -9.51 -30.77 13.51
CA GLN A 163 -9.14 -29.97 14.69
C GLN A 163 -10.40 -29.49 15.38
N ARG A 164 -10.33 -29.36 16.70
CA ARG A 164 -11.43 -28.88 17.53
C ARG A 164 -11.02 -27.61 18.26
N ASP A 165 -11.96 -27.02 18.98
CA ASP A 165 -11.76 -25.79 19.78
C ASP A 165 -11.04 -24.62 19.05
N LEU A 166 -11.29 -24.50 17.75
CA LEU A 166 -10.84 -23.33 16.99
C LEU A 166 -11.81 -22.19 17.32
N PRO A 167 -11.31 -20.94 17.31
CA PRO A 167 -12.12 -19.83 17.84
C PRO A 167 -13.37 -19.48 17.04
N GLN A 168 -14.29 -18.79 17.72
CA GLN A 168 -15.46 -18.19 17.08
C GLN A 168 -14.99 -17.03 16.20
N ILE A 169 -15.55 -16.93 14.99
CA ILE A 169 -15.19 -15.86 14.05
C ILE A 169 -16.30 -14.82 14.05
N LEU A 170 -15.91 -13.54 14.09
CA LEU A 170 -16.87 -12.42 14.10
C LEU A 170 -16.37 -11.33 13.15
N GLY A 171 -16.92 -11.32 11.94
CA GLY A 171 -16.55 -10.33 10.94
C GLY A 171 -17.34 -9.05 11.11
N LEU A 172 -16.65 -7.91 11.02
CA LEU A 172 -17.29 -6.59 10.94
C LEU A 172 -16.95 -6.00 9.58
N THR A 173 -17.95 -5.43 8.90
CA THR A 173 -17.76 -4.87 7.56
C THR A 173 -18.90 -3.97 7.12
N ALA A 174 -18.57 -2.96 6.32
CA ALA A 174 -19.56 -2.10 5.68
C ALA A 174 -19.88 -2.58 4.27
N SER A 175 -18.85 -2.95 3.51
CA SER A 175 -19.00 -3.37 2.11
C SER A 175 -18.21 -4.65 1.82
N PRO A 176 -18.87 -5.82 1.90
CA PRO A 176 -18.33 -7.08 1.37
C PRO A 176 -17.87 -6.98 -0.09
N GLY A 177 -18.64 -6.29 -0.91
CA GLY A 177 -18.25 -5.93 -2.28
C GLY A 177 -18.55 -6.98 -3.32
N THR A 178 -18.10 -6.70 -4.54
CA THR A 178 -18.20 -7.64 -5.68
C THR A 178 -16.86 -8.25 -6.08
N GLY A 179 -15.76 -7.50 -5.91
CA GLY A 179 -14.43 -7.95 -6.30
C GLY A 179 -14.25 -7.98 -7.82
N GLY A 180 -14.77 -6.95 -8.50
CA GLY A 180 -14.72 -6.88 -9.95
C GLY A 180 -15.68 -7.86 -10.62
N GLU A 181 -16.94 -7.83 -10.20
CA GLU A 181 -17.99 -8.71 -10.74
C GLU A 181 -19.29 -7.93 -10.95
N THR A 182 -19.54 -7.54 -12.21
CA THR A 182 -20.76 -6.81 -12.58
C THR A 182 -22.02 -7.71 -12.70
N SER A 183 -21.82 -9.02 -12.81
CA SER A 183 -22.93 -9.98 -12.92
C SER A 183 -23.57 -10.28 -11.56
N PHE A 184 -24.79 -10.80 -11.60
CA PHE A 184 -25.49 -11.27 -10.40
C PHE A 184 -24.99 -12.65 -9.98
N GLU A 185 -24.69 -13.51 -10.94
CA GLU A 185 -24.14 -14.85 -10.68
C GLU A 185 -22.78 -14.76 -10.01
N GLY A 186 -21.92 -13.87 -10.52
CA GLY A 186 -20.58 -13.64 -9.97
C GLY A 186 -20.54 -12.95 -8.63
N ALA A 187 -21.45 -11.99 -8.41
CA ALA A 187 -21.53 -11.24 -7.15
C ALA A 187 -21.92 -12.11 -5.96
N VAL A 188 -22.78 -13.11 -6.20
CA VAL A 188 -23.15 -14.10 -5.18
C VAL A 188 -21.98 -15.04 -4.89
N GLU A 189 -21.33 -15.53 -5.95
CA GLU A 189 -20.20 -16.46 -5.82
C GLU A 189 -19.03 -15.84 -5.03
N HIS A 190 -18.83 -14.53 -5.23
CA HIS A 190 -17.86 -13.73 -4.46
C HIS A 190 -18.18 -13.72 -2.97
N ILE A 191 -19.45 -13.50 -2.64
CA ILE A 191 -19.92 -13.48 -1.23
C ILE A 191 -19.79 -14.86 -0.59
N LEU A 192 -20.10 -15.91 -1.35
CA LEU A 192 -19.96 -17.29 -0.85
C LEU A 192 -18.51 -17.70 -0.58
N GLN A 193 -17.56 -17.11 -1.31
CA GLN A 193 -16.13 -17.33 -1.06
C GLN A 193 -15.66 -16.66 0.24
N ILE A 194 -16.09 -15.41 0.46
CA ILE A 194 -15.78 -14.67 1.70
C ILE A 194 -16.41 -15.33 2.94
N CYS A 195 -17.59 -15.91 2.78
CA CYS A 195 -18.18 -16.75 3.83
C CYS A 195 -17.32 -17.98 4.10
N ALA A 196 -16.81 -18.61 3.05
CA ALA A 196 -15.91 -19.77 3.17
C ALA A 196 -14.55 -19.43 3.78
N ASN A 197 -14.06 -18.22 3.50
CA ASN A 197 -12.78 -17.75 4.07
C ASN A 197 -12.89 -17.53 5.59
N LEU A 198 -13.94 -16.83 6.00
CA LEU A 198 -14.22 -16.55 7.42
C LEU A 198 -15.02 -17.65 8.17
N ASP A 199 -15.25 -18.79 7.51
CA ASP A 199 -16.03 -19.92 8.06
C ASP A 199 -17.46 -19.54 8.48
N THR A 200 -18.01 -18.51 7.83
CA THR A 200 -19.26 -17.87 8.26
C THR A 200 -20.46 -18.81 8.14
N GLU A 201 -21.41 -18.64 9.06
CA GLU A 201 -22.65 -19.42 9.10
C GLU A 201 -23.88 -18.54 8.85
N VAL A 202 -23.99 -17.42 9.56
CA VAL A 202 -25.12 -16.48 9.42
C VAL A 202 -24.62 -15.06 9.15
N ILE A 203 -24.97 -14.51 7.97
CA ILE A 203 -24.70 -13.12 7.64
C ILE A 203 -25.78 -12.25 8.29
N ALA A 204 -25.39 -11.46 9.29
CA ALA A 204 -26.33 -10.64 10.07
C ALA A 204 -26.41 -9.21 9.54
N SER A 205 -27.62 -8.63 9.57
CA SER A 205 -27.87 -7.26 9.12
C SER A 205 -29.21 -6.74 9.63
N ALA A 206 -29.42 -5.43 9.49
CA ALA A 206 -30.66 -4.77 9.92
C ALA A 206 -31.85 -5.10 9.00
N ARG A 230 -7.76 20.30 -24.13
CA ARG A 230 -7.21 21.46 -24.81
C ARG A 230 -7.35 21.35 -26.34
N GLU A 231 -7.59 22.48 -26.99
CA GLU A 231 -7.63 22.55 -28.45
C GLU A 231 -6.21 22.50 -29.00
N GLN A 232 -5.38 23.43 -28.53
CA GLN A 232 -3.97 23.51 -28.91
C GLN A 232 -3.10 23.12 -27.72
N ASP A 233 -2.07 22.33 -28.00
CA ASP A 233 -1.13 21.85 -26.97
C ASP A 233 0.26 21.67 -27.59
N PRO A 234 0.93 22.79 -27.94
CA PRO A 234 2.26 22.72 -28.57
C PRO A 234 3.37 22.25 -27.63
N PHE A 235 3.18 22.44 -26.32
CA PHE A 235 4.07 21.87 -25.30
C PHE A 235 4.04 20.34 -25.36
N GLY A 236 2.83 19.79 -25.36
CA GLY A 236 2.62 18.34 -25.46
C GLY A 236 3.03 17.76 -26.81
N GLN A 237 2.71 18.48 -27.88
CA GLN A 237 3.10 18.08 -29.25
C GLN A 237 4.62 18.11 -29.47
N ARG A 238 5.32 19.04 -28.81
CA ARG A 238 6.78 19.11 -28.89
C ARG A 238 7.46 17.93 -28.19
N LEU A 239 6.97 17.56 -27.01
CA LEU A 239 7.52 16.43 -26.24
C LEU A 239 7.41 15.08 -26.97
N LYS A 240 6.37 14.91 -27.77
CA LYS A 240 6.20 13.71 -28.62
C LYS A 240 7.25 13.63 -29.73
N LYS A 241 7.59 14.78 -30.32
CA LYS A 241 8.63 14.87 -31.35
C LYS A 241 10.04 14.52 -30.84
N ILE A 242 10.35 14.93 -29.62
N ILE A 242 10.35 14.93 -29.62
CA ILE A 242 11.63 14.61 -28.97
CA ILE A 242 11.63 14.62 -28.98
C ILE A 242 11.81 13.12 -28.72
C ILE A 242 11.81 13.12 -28.72
N MET A 243 10.72 12.43 -28.38
CA MET A 243 10.72 10.97 -28.19
C MET A 243 10.92 10.22 -29.51
N ALA A 244 10.42 10.79 -30.62
CA ALA A 244 10.64 10.24 -31.96
C ALA A 244 12.12 10.34 -32.39
N GLN A 245 12.76 11.46 -32.06
CA GLN A 245 14.20 11.65 -32.33
C GLN A 245 15.08 10.65 -31.58
N ILE A 246 14.72 10.35 -30.34
CA ILE A 246 15.48 9.42 -29.50
C ILE A 246 15.25 7.97 -29.92
N GLN A 247 14.02 7.63 -30.30
CA GLN A 247 13.70 6.30 -30.85
C GLN A 247 14.33 6.07 -32.25
N GLU A 248 14.57 7.14 -32.99
CA GLU A 248 15.38 7.09 -34.22
C GLU A 248 16.86 6.84 -33.89
N HIS A 249 17.37 7.53 -32.87
CA HIS A 249 18.74 7.33 -32.38
C HIS A 249 18.96 5.90 -31.84
N MET A 250 17.94 5.33 -31.22
CA MET A 250 17.96 3.92 -30.76
C MET A 250 18.21 2.92 -31.90
N GLU A 251 17.64 3.20 -33.07
CA GLU A 251 17.75 2.34 -34.27
C GLU A 251 17.15 0.95 -34.01
N MET A 252 15.82 0.93 -33.86
CA MET A 252 15.07 -0.32 -33.61
C MET A 252 13.70 -0.29 -34.29
N PRO A 253 13.29 -1.43 -34.91
CA PRO A 253 11.93 -1.56 -35.44
C PRO A 253 10.95 -2.03 -34.36
N GLU A 254 9.65 -1.91 -34.68
CA GLU A 254 8.55 -2.39 -33.82
C GLU A 254 8.46 -1.71 -32.44
N LEU A 255 8.89 -0.45 -32.36
CA LEU A 255 8.73 0.36 -31.15
C LEU A 255 7.30 0.91 -31.08
N PRO A 256 6.79 1.18 -29.86
CA PRO A 256 5.42 1.66 -29.73
C PRO A 256 5.28 3.13 -30.14
N GLN A 257 4.28 3.43 -30.97
CA GLN A 257 4.04 4.78 -31.49
C GLN A 257 2.72 5.35 -30.96
N ASN A 258 2.59 5.34 -29.63
CA ASN A 258 1.41 5.89 -28.93
C ASN A 258 1.87 6.61 -27.65
N PHE A 259 2.41 7.82 -27.84
CA PHE A 259 3.11 8.54 -26.77
C PHE A 259 2.12 9.19 -25.81
N GLY A 260 2.52 9.28 -24.53
CA GLY A 260 1.69 9.87 -23.49
C GLY A 260 0.56 8.96 -23.04
N THR A 261 0.90 7.71 -22.73
CA THR A 261 -0.08 6.69 -22.33
C THR A 261 0.49 5.72 -21.28
N GLN A 262 -0.41 4.98 -20.64
CA GLN A 262 -0.04 3.87 -19.75
C GLN A 262 0.53 2.68 -20.52
N VAL A 263 0.14 2.53 -21.79
CA VAL A 263 0.67 1.48 -22.67
C VAL A 263 2.15 1.74 -22.96
N TYR A 264 2.49 3.01 -23.24
CA TYR A 264 3.87 3.38 -23.54
C TYR A 264 4.79 3.25 -22.33
N GLU A 265 4.32 3.68 -21.15
CA GLU A 265 5.09 3.58 -19.91
C GLU A 265 5.36 2.12 -19.51
N GLN A 266 4.44 1.22 -19.86
CA GLN A 266 4.65 -0.22 -19.71
C GLN A 266 5.73 -0.71 -20.66
N ARG A 267 5.56 -0.40 -21.95
CA ARG A 267 6.46 -0.89 -23.02
C ARG A 267 7.90 -0.38 -22.88
N ILE A 268 8.05 0.89 -22.50
CA ILE A 268 9.38 1.49 -22.32
C ILE A 268 10.14 0.89 -21.12
N VAL A 269 9.41 0.57 -20.04
CA VAL A 269 10.00 -0.07 -18.87
C VAL A 269 10.22 -1.57 -19.13
N GLU A 270 9.28 -2.21 -19.83
CA GLU A 270 9.45 -3.60 -20.30
C GLU A 270 10.72 -3.78 -21.14
N LEU A 271 11.00 -2.82 -22.03
CA LEU A 271 12.24 -2.80 -22.81
C LEU A 271 13.46 -2.49 -21.94
N GLU A 272 13.29 -1.57 -20.98
CA GLU A 272 14.34 -1.23 -20.02
C GLU A 272 14.71 -2.41 -19.10
N ASN A 273 13.73 -3.24 -18.76
CA ASN A 273 13.96 -4.47 -17.97
C ASN A 273 14.73 -5.51 -18.79
N ARG A 274 14.34 -5.72 -20.04
CA ARG A 274 15.04 -6.63 -20.95
C ARG A 274 16.46 -6.16 -21.27
N ALA A 275 16.63 -4.84 -21.44
CA ALA A 275 17.94 -4.23 -21.64
C ALA A 275 18.87 -4.42 -20.44
N ALA A 276 18.32 -4.37 -19.23
CA ALA A 276 19.07 -4.59 -18.00
C ALA A 276 19.49 -6.06 -17.82
N GLU A 277 18.61 -6.99 -18.18
CA GLU A 277 18.89 -8.43 -18.08
C GLU A 277 19.97 -8.90 -19.06
N ARG A 278 19.84 -8.46 -20.32
CA ARG A 278 20.82 -8.79 -21.36
C ARG A 278 22.07 -7.92 -21.30
N PHE A 279 21.98 -6.78 -20.61
CA PHE A 279 23.03 -5.75 -20.53
C PHE A 279 23.30 -5.11 -21.90
N CYS A 280 22.35 -4.30 -22.33
N CYS A 280 22.34 -4.29 -22.33
CA CYS A 280 22.46 -3.47 -23.53
CA CYS A 280 22.46 -3.47 -23.53
C CYS A 280 22.42 -2.01 -23.09
C CYS A 280 22.42 -2.01 -23.09
N ARG A 281 23.60 -1.43 -22.87
CA ARG A 281 23.73 -0.07 -22.28
C ARG A 281 22.99 1.05 -23.03
N LYS A 282 23.06 1.03 -24.37
CA LYS A 282 22.42 2.07 -25.19
C LYS A 282 20.89 2.02 -25.10
N THR A 283 20.32 0.82 -25.14
CA THR A 283 18.87 0.63 -25.02
C THR A 283 18.38 0.90 -23.59
N ARG A 284 19.19 0.57 -22.58
CA ARG A 284 18.79 0.73 -21.18
C ARG A 284 18.74 2.20 -20.77
N VAL A 285 19.79 2.96 -21.11
CA VAL A 285 19.87 4.38 -20.77
C VAL A 285 18.86 5.23 -21.55
N CYS A 286 18.63 4.90 -22.83
CA CYS A 286 17.62 5.58 -23.65
C CYS A 286 16.18 5.34 -23.14
N ALA A 287 15.91 4.14 -22.65
CA ALA A 287 14.57 3.78 -22.16
C ALA A 287 14.17 4.48 -20.85
N LEU A 288 15.15 4.76 -20.00
CA LEU A 288 14.93 5.53 -18.75
C LEU A 288 14.53 6.98 -19.03
N HIS A 289 15.13 7.56 -20.06
CA HIS A 289 14.85 8.95 -20.46
C HIS A 289 13.49 9.08 -21.15
N LEU A 290 13.21 8.16 -22.09
CA LEU A 290 11.93 8.14 -22.81
C LEU A 290 10.70 7.99 -21.92
N ARG A 291 10.87 7.32 -20.77
CA ARG A 291 9.82 7.27 -19.74
C ARG A 291 9.63 8.64 -19.10
N ARG A 292 10.73 9.33 -18.80
CA ARG A 292 10.68 10.68 -18.20
C ARG A 292 9.95 11.70 -19.07
N TYR A 293 10.09 11.57 -20.40
CA TYR A 293 9.28 12.35 -21.36
C TYR A 293 7.80 11.94 -21.31
N ASN A 294 7.54 10.63 -21.24
CA ASN A 294 6.18 10.11 -21.12
C ASN A 294 5.51 10.49 -19.79
N ASP A 295 6.31 10.56 -18.72
CA ASP A 295 5.85 11.07 -17.42
C ASP A 295 5.42 12.53 -17.54
N ALA A 296 6.23 13.33 -18.23
CA ALA A 296 5.91 14.75 -18.49
C ALA A 296 4.62 14.90 -19.32
N LEU A 297 4.40 14.02 -20.29
CA LEU A 297 3.14 14.00 -21.06
C LEU A 297 1.91 13.74 -20.19
N LEU A 298 2.06 12.86 -19.19
CA LEU A 298 0.98 12.58 -18.23
C LEU A 298 0.84 13.67 -17.15
N ILE A 299 1.96 14.30 -16.77
CA ILE A 299 1.93 15.47 -15.87
C ILE A 299 1.28 16.67 -16.57
N ASN A 300 1.60 16.85 -17.85
CA ASN A 300 1.00 17.91 -18.68
C ASN A 300 -0.52 17.72 -18.85
N ASP A 301 -0.96 16.47 -18.99
CA ASP A 301 -2.38 16.14 -19.16
C ASP A 301 -3.21 16.49 -17.92
N THR A 302 -2.70 16.14 -16.74
CA THR A 302 -3.42 16.35 -15.47
C THR A 302 -3.36 17.81 -15.02
N VAL A 303 -2.14 18.34 -14.87
CA VAL A 303 -1.90 19.66 -14.25
C VAL A 303 -1.23 20.63 -15.26
N ARG A 304 -0.39 21.55 -14.78
CA ARG A 304 0.21 22.59 -15.65
C ARG A 304 1.23 22.03 -16.66
N MET A 305 1.49 22.84 -17.69
CA MET A 305 2.61 22.61 -18.60
C MET A 305 3.95 22.83 -17.90
N MET A 306 3.99 23.79 -16.97
CA MET A 306 5.19 24.08 -16.17
C MET A 306 5.56 22.94 -15.21
N ASP A 307 4.57 22.19 -14.73
CA ASP A 307 4.81 21.00 -13.89
C ASP A 307 5.47 19.87 -14.68
N ALA A 308 5.05 19.71 -15.93
CA ALA A 308 5.65 18.73 -16.86
C ALA A 308 7.09 19.10 -17.24
N PHE A 309 7.36 20.40 -17.36
CA PHE A 309 8.69 20.90 -17.69
C PHE A 309 9.71 20.69 -16.56
N GLN A 310 9.29 21.00 -15.32
CA GLN A 310 10.17 20.86 -14.15
C GLN A 310 10.50 19.41 -13.75
N CYS A 311 9.70 18.46 -14.22
CA CYS A 311 10.02 17.02 -14.09
C CYS A 311 11.27 16.68 -14.89
N LEU A 312 11.28 17.08 -16.16
CA LEU A 312 12.45 16.90 -17.04
C LEU A 312 13.62 17.79 -16.67
N GLN A 313 13.34 19.00 -16.17
CA GLN A 313 14.39 19.97 -15.79
C GLN A 313 15.29 19.43 -14.68
N GLN A 314 14.67 18.96 -13.60
CA GLN A 314 15.40 18.42 -12.45
C GLN A 314 16.00 17.02 -12.69
N PHE A 315 15.52 16.33 -13.73
CA PHE A 315 16.09 15.05 -14.15
C PHE A 315 17.50 15.23 -14.72
N TYR A 316 17.63 16.10 -15.71
CA TYR A 316 18.92 16.39 -16.36
C TYR A 316 19.87 17.27 -15.54
N ALA A 317 19.32 18.09 -14.64
CA ALA A 317 20.12 19.02 -13.82
C ALA A 317 21.06 18.31 -12.84
N ASP A 318 20.60 17.20 -12.25
CA ASP A 318 21.39 16.45 -11.28
C ASP A 318 22.56 15.64 -11.88
N LYS A 319 22.57 15.46 -13.20
CA LYS A 319 23.67 14.76 -13.89
C LYS A 319 24.99 15.53 -13.79
N ASP A 324 29.86 9.53 -21.31
CA ASP A 324 29.64 8.62 -22.44
C ASP A 324 28.81 9.28 -23.55
N PRO A 325 28.88 8.75 -24.80
CA PRO A 325 28.14 9.36 -25.93
C PRO A 325 26.61 9.29 -25.85
N THR A 326 26.07 8.27 -25.17
CA THR A 326 24.62 8.07 -25.09
C THR A 326 23.93 9.15 -24.26
N GLU A 327 24.44 9.40 -23.05
CA GLU A 327 23.93 10.48 -22.19
C GLU A 327 24.27 11.88 -22.70
N ARG A 328 25.37 12.01 -23.43
CA ARG A 328 25.79 13.28 -24.02
C ARG A 328 24.84 13.75 -25.13
N PHE A 329 24.38 12.81 -25.96
CA PHE A 329 23.37 13.08 -26.99
C PHE A 329 22.03 13.50 -26.37
N LEU A 330 21.58 12.72 -25.39
CA LEU A 330 20.28 12.95 -24.73
C LEU A 330 20.27 14.24 -23.89
N ALA A 331 21.42 14.61 -23.34
CA ALA A 331 21.59 15.91 -22.66
C ALA A 331 21.51 17.08 -23.65
N THR A 332 22.12 16.90 -24.82
CA THR A 332 22.08 17.89 -25.90
C THR A 332 20.69 17.99 -26.56
N THR A 333 19.98 16.87 -26.64
CA THR A 333 18.61 16.84 -27.20
C THR A 333 17.64 17.68 -26.35
N PHE A 334 17.76 17.59 -25.03
CA PHE A 334 16.95 18.40 -24.11
C PHE A 334 17.39 19.87 -24.07
N GLU A 335 18.70 20.11 -24.13
CA GLU A 335 19.28 21.47 -24.04
C GLU A 335 18.75 22.43 -25.11
N GLU A 336 18.53 21.91 -26.32
CA GLU A 336 17.97 22.70 -27.43
C GLU A 336 16.49 23.05 -27.21
N ASN A 337 15.72 22.09 -26.69
CA ASN A 337 14.28 22.26 -26.47
C ASN A 337 13.91 22.81 -25.09
N ARG A 338 14.90 23.10 -24.25
CA ARG A 338 14.67 23.61 -22.89
C ARG A 338 14.08 25.03 -22.90
N ALA A 339 14.69 25.92 -23.68
CA ALA A 339 14.26 27.31 -23.78
C ALA A 339 12.88 27.48 -24.41
N THR A 340 12.54 26.60 -25.36
CA THR A 340 11.24 26.64 -26.04
C THR A 340 10.11 26.16 -25.12
N LEU A 341 10.30 25.01 -24.50
CA LEU A 341 9.30 24.41 -23.59
C LEU A 341 8.98 25.28 -22.37
N GLN A 342 9.96 26.05 -21.89
CA GLN A 342 9.75 26.99 -20.78
C GLN A 342 8.87 28.18 -21.17
N ALA A 343 8.96 28.60 -22.43
CA ALA A 343 8.10 29.66 -22.97
C ALA A 343 6.67 29.17 -23.23
N LEU A 344 6.54 27.95 -23.77
CA LEU A 344 5.23 27.32 -24.00
C LEU A 344 4.46 27.06 -22.70
N ALA A 345 5.19 26.75 -21.63
CA ALA A 345 4.60 26.57 -20.30
C ALA A 345 4.11 27.88 -19.68
N GLY A 346 4.86 28.96 -19.89
CA GLY A 346 4.46 30.31 -19.47
C GLY A 346 3.27 30.89 -20.22
N ASP A 347 2.97 30.34 -21.41
CA ASP A 347 1.81 30.74 -22.20
C ASP A 347 0.50 30.38 -21.49
N GLN A 348 -0.40 31.36 -21.39
CA GLN A 348 -1.71 31.20 -20.73
C GLN A 348 -2.85 30.76 -21.66
N ARG A 349 -2.59 30.69 -22.97
CA ARG A 349 -3.59 30.23 -23.94
C ARG A 349 -3.75 28.71 -23.87
N TYR A 350 -2.61 28.01 -23.82
CA TYR A 350 -2.58 26.55 -23.84
C TYR A 350 -2.72 26.00 -22.41
N ASN A 352 -3.67 25.49 -18.69
CA ASN A 352 -4.63 24.39 -18.67
C ASN A 352 -6.03 24.94 -18.40
N PRO A 353 -7.03 24.59 -19.25
CA PRO A 353 -8.45 24.88 -18.98
C PRO A 353 -9.02 24.27 -17.69
N ARG A 354 -8.43 23.18 -17.20
CA ARG A 354 -8.80 22.59 -15.90
C ARG A 354 -8.58 23.55 -14.73
N LEU A 355 -7.46 24.27 -14.78
CA LEU A 355 -7.04 25.17 -13.69
C LEU A 355 -7.83 26.49 -13.68
N SER A 356 -8.20 26.97 -14.88
CA SER A 356 -9.11 28.11 -15.00
C SER A 356 -10.50 27.79 -14.46
N LYS A 357 -10.95 26.55 -14.68
CA LYS A 357 -12.21 26.04 -14.10
C LYS A 357 -12.11 25.88 -12.58
N LEU A 358 -10.96 25.39 -12.11
CA LEU A 358 -10.70 25.23 -10.66
C LEU A 358 -10.62 26.57 -9.93
N GLU A 359 -10.02 27.57 -10.57
CA GLU A 359 -9.87 28.91 -9.98
C GLU A 359 -11.21 29.62 -9.78
N GLU A 360 -12.13 29.46 -10.74
CA GLU A 360 -13.48 30.04 -10.66
C GLU A 360 -14.34 29.44 -9.52
N ILE A 361 -14.10 28.17 -9.21
CA ILE A 361 -14.78 27.51 -8.07
C ILE A 361 -14.22 28.05 -6.74
N LEU A 362 -12.90 28.19 -6.67
CA LEU A 362 -12.23 28.69 -5.46
C LEU A 362 -12.48 30.19 -5.20
N GLN A 363 -12.52 31.00 -6.27
CA GLN A 363 -12.83 32.43 -6.16
C GLN A 363 -14.24 32.70 -5.63
N GLU A 364 -15.21 31.92 -6.09
CA GLU A 364 -16.61 32.07 -5.71
C GLU A 364 -16.87 31.58 -4.28
N HIS A 365 -16.49 30.33 -4.01
CA HIS A 365 -16.83 29.66 -2.74
C HIS A 365 -16.07 30.17 -1.50
N PHE A 366 -14.84 30.67 -1.67
CA PHE A 366 -14.06 31.22 -0.55
C PHE A 366 -14.08 32.76 -0.49
N GLN A 367 -15.30 33.31 -0.59
CA GLN A 367 -15.58 34.72 -0.30
C GLN A 367 -16.96 34.72 0.40
N PRO A 368 -17.04 35.02 1.71
CA PRO A 368 -15.98 35.58 2.57
C PRO A 368 -14.72 34.70 2.76
N PRO A 369 -13.56 35.33 3.12
CA PRO A 369 -12.20 34.73 3.01
C PRO A 369 -12.03 33.26 3.40
N GLY A 370 -12.49 32.89 4.60
CA GLY A 370 -12.28 31.53 5.13
C GLY A 370 -13.49 30.96 5.86
N SER A 371 -14.64 30.99 5.19
CA SER A 371 -15.88 30.38 5.69
C SER A 371 -16.03 28.94 5.23
N SER A 372 -15.74 28.68 3.94
CA SER A 372 -15.84 27.33 3.35
C SER A 372 -14.72 26.40 3.80
N ARG A 373 -14.88 25.12 3.49
CA ARG A 373 -13.97 24.06 3.94
C ARG A 373 -13.99 22.88 2.94
N GLY A 374 -12.99 22.83 2.06
CA GLY A 374 -12.96 21.90 0.92
C GLY A 374 -11.79 20.94 0.85
N ILE A 375 -11.94 19.90 0.04
CA ILE A 375 -10.89 18.90 -0.22
C ILE A 375 -10.88 18.56 -1.72
N VAL A 376 -9.70 18.59 -2.33
CA VAL A 376 -9.53 18.35 -3.77
C VAL A 376 -8.81 17.01 -3.99
N PHE A 377 -9.57 16.00 -4.42
CA PHE A 377 -9.01 14.66 -4.66
C PHE A 377 -8.22 14.61 -5.98
N THR A 378 -6.98 14.14 -5.88
CA THR A 378 -6.11 13.91 -7.06
C THR A 378 -5.73 12.44 -7.12
N LYS A 379 -5.22 12.03 -8.28
CA LYS A 379 -4.76 10.65 -8.49
C LYS A 379 -3.40 10.43 -7.85
N THR A 380 -2.44 11.28 -8.20
CA THR A 380 -1.03 11.11 -7.78
C THR A 380 -0.61 12.05 -6.66
N ARG A 381 0.51 11.71 -6.00
CA ARG A 381 1.17 12.61 -5.05
C ARG A 381 1.81 13.79 -5.76
N GLN A 382 2.33 13.56 -6.97
CA GLN A 382 2.93 14.60 -7.79
C GLN A 382 1.91 15.66 -8.21
N SER A 383 0.69 15.23 -8.52
CA SER A 383 -0.44 16.15 -8.77
C SER A 383 -0.84 16.91 -7.50
N ALA A 384 -0.86 16.21 -6.37
CA ALA A 384 -1.16 16.83 -5.08
C ALA A 384 -0.11 17.88 -4.69
N HIS A 385 1.17 17.53 -4.81
CA HIS A 385 2.27 18.46 -4.51
C HIS A 385 2.40 19.60 -5.51
N SER A 386 1.97 19.38 -6.76
CA SER A 386 1.99 20.42 -7.80
C SER A 386 0.89 21.46 -7.60
N LEU A 387 -0.35 21.00 -7.40
CA LEU A 387 -1.51 21.89 -7.27
C LEU A 387 -1.50 22.79 -6.02
N LEU A 388 -0.74 22.40 -4.99
CA LEU A 388 -0.47 23.29 -3.86
C LEU A 388 0.40 24.49 -4.28
N SER A 389 1.46 24.21 -5.05
N SER A 389 1.46 24.21 -5.05
CA SER A 389 2.35 25.26 -5.57
CA SER A 389 2.36 25.25 -5.58
C SER A 389 1.68 26.15 -6.62
C SER A 389 1.67 26.15 -6.61
N TRP A 390 0.67 25.63 -7.31
CA TRP A 390 -0.15 26.42 -8.24
C TRP A 390 -0.95 27.51 -7.51
N LEU A 391 -1.59 27.12 -6.40
CA LEU A 391 -2.35 28.06 -5.55
C LEU A 391 -1.48 29.21 -5.04
N GLN A 392 -0.25 28.90 -4.65
CA GLN A 392 0.71 29.89 -4.15
C GLN A 392 1.21 30.84 -5.25
N ASP A 393 1.29 30.34 -6.49
CA ASP A 393 1.71 31.13 -7.65
C ASP A 393 0.50 31.48 -8.54
N THR A 394 -0.49 32.15 -7.95
CA THR A 394 -1.66 32.67 -8.67
C THR A 394 -2.10 33.99 -8.02
N ALA A 395 -2.32 35.01 -8.86
CA ALA A 395 -2.63 36.37 -8.37
C ALA A 395 -4.08 36.52 -7.91
N GLY A 396 -5.02 35.87 -8.61
CA GLY A 396 -6.44 35.96 -8.29
C GLY A 396 -6.83 35.37 -6.94
N LEU A 397 -6.25 34.23 -6.60
CA LEU A 397 -6.57 33.52 -5.35
C LEU A 397 -5.83 34.09 -4.13
N CYS A 398 -4.60 34.57 -4.33
CA CYS A 398 -3.89 35.31 -3.29
C CYS A 398 -4.54 36.67 -3.08
N GLY A 399 -5.07 36.88 -1.88
CA GLY A 399 -5.99 37.99 -1.59
C GLY A 399 -7.12 37.44 -0.72
N GLN A 400 -7.73 36.35 -1.19
CA GLN A 400 -8.63 35.55 -0.36
C GLN A 400 -7.77 34.69 0.57
N HIS A 401 -8.13 34.69 1.85
CA HIS A 401 -7.33 34.00 2.87
C HIS A 401 -7.62 32.50 2.88
N ILE A 402 -6.92 31.77 2.01
CA ILE A 402 -7.03 30.32 1.88
C ILE A 402 -5.71 29.69 2.32
N ARG A 403 -5.69 29.10 3.51
CA ARG A 403 -4.53 28.41 4.06
C ARG A 403 -4.72 26.91 3.81
N ALA A 404 -3.75 26.29 3.12
CA ALA A 404 -3.90 24.91 2.64
C ALA A 404 -2.62 24.07 2.74
N ALA A 405 -2.79 22.76 2.58
CA ALA A 405 -1.69 21.79 2.61
C ALA A 405 -2.05 20.51 1.85
N VAL A 406 -1.08 19.60 1.72
CA VAL A 406 -1.24 18.32 1.01
C VAL A 406 -1.31 17.16 2.01
N LEU A 407 -2.14 16.16 1.69
CA LEU A 407 -2.31 14.97 2.53
C LEU A 407 -2.15 13.71 1.66
N THR A 408 -1.09 12.94 1.92
CA THR A 408 -0.82 11.69 1.20
C THR A 408 -0.53 10.58 2.22
N GLY A 409 0.03 9.45 1.77
CA GLY A 409 0.26 8.29 2.63
C GLY A 409 1.63 8.22 3.27
N SER A 410 1.95 7.04 3.81
CA SER A 410 3.26 6.74 4.38
C SER A 410 4.09 5.76 3.55
N GLY A 411 3.53 5.23 2.46
CA GLY A 411 4.24 4.33 1.55
C GLY A 411 5.38 5.01 0.81
N HIS A 412 6.11 4.24 0.00
CA HIS A 412 7.29 4.77 -0.69
C HIS A 412 7.70 3.97 -1.92
N SER A 413 8.31 4.67 -2.88
CA SER A 413 8.91 4.07 -4.08
C SER A 413 10.03 4.96 -4.60
N ASN A 414 10.73 4.49 -5.63
CA ASN A 414 11.86 5.23 -6.20
C ASN A 414 11.46 6.54 -6.91
N GLN A 415 10.24 6.58 -7.46
CA GLN A 415 9.75 7.78 -8.15
C GLN A 415 9.34 8.88 -7.16
N ALA A 416 8.52 8.52 -6.17
CA ALA A 416 7.96 9.50 -5.23
C ALA A 416 7.98 9.00 -3.78
N LYS A 417 8.22 9.94 -2.86
CA LYS A 417 8.14 9.69 -1.41
C LYS A 417 6.82 10.21 -0.85
N GLY A 418 6.45 9.74 0.34
CA GLY A 418 5.23 10.14 1.03
C GLY A 418 5.50 10.83 2.35
N MET A 419 4.42 11.08 3.09
CA MET A 419 4.48 11.68 4.44
C MET A 419 4.60 10.57 5.49
N THR A 420 4.11 10.81 6.72
CA THR A 420 4.03 9.79 7.77
C THR A 420 2.75 9.98 8.59
N GLN A 421 2.45 9.00 9.45
CA GLN A 421 1.25 9.03 10.30
C GLN A 421 1.24 10.18 11.31
N ASN A 422 2.42 10.63 11.73
CA ASN A 422 2.55 11.78 12.63
C ASN A 422 2.28 13.10 11.89
N GLU A 423 2.81 13.23 10.68
CA GLU A 423 2.60 14.44 9.85
C GLU A 423 1.16 14.56 9.34
N GLN A 424 0.57 13.43 8.92
CA GLN A 424 -0.82 13.37 8.49
C GLN A 424 -1.80 13.83 9.57
N GLN A 425 -1.56 13.38 10.81
CA GLN A 425 -2.45 13.68 11.93
C GLN A 425 -2.37 15.15 12.38
N ASP A 426 -1.21 15.77 12.21
CA ASP A 426 -1.06 17.22 12.46
C ASP A 426 -1.90 18.05 11.48
N VAL A 427 -1.87 17.67 10.20
CA VAL A 427 -2.61 18.40 9.16
C VAL A 427 -4.12 18.18 9.28
N ILE A 428 -4.52 16.95 9.63
CA ILE A 428 -5.94 16.62 9.87
C ILE A 428 -6.50 17.39 11.08
N THR A 429 -5.68 17.58 12.12
CA THR A 429 -6.06 18.39 13.27
C THR A 429 -6.23 19.86 12.87
N LEU A 430 -5.22 20.44 12.21
CA LEU A 430 -5.30 21.83 11.74
C LEU A 430 -6.48 22.08 10.78
N PHE A 431 -6.85 21.07 9.99
CA PHE A 431 -8.03 21.12 9.12
C PHE A 431 -9.32 21.14 9.93
N ARG A 432 -9.41 20.24 10.92
CA ARG A 432 -10.62 20.04 11.73
C ARG A 432 -11.03 21.28 12.54
N TYR A 433 -10.05 22.00 13.07
CA TYR A 433 -10.28 23.18 13.91
C TYR A 433 -10.12 24.53 13.18
N GLY A 434 -10.09 24.50 11.84
CA GLY A 434 -10.17 25.71 11.03
C GLY A 434 -8.92 26.58 10.94
N GLU A 435 -7.74 26.00 11.18
CA GLU A 435 -6.47 26.69 10.92
C GLU A 435 -6.21 26.68 9.42
N LEU A 436 -6.25 25.48 8.84
CA LEU A 436 -6.24 25.28 7.40
C LEU A 436 -7.68 25.07 6.93
N ASN A 437 -8.00 25.57 5.74
CA ASN A 437 -9.38 25.47 5.20
C ASN A 437 -9.43 24.99 3.74
N LEU A 438 -8.42 24.25 3.30
CA LEU A 438 -8.41 23.60 1.98
C LEU A 438 -7.35 22.50 1.94
N LEU A 439 -7.61 21.46 1.13
CA LEU A 439 -6.67 20.34 0.97
C LEU A 439 -6.57 19.88 -0.48
N PHE A 440 -5.36 19.51 -0.89
CA PHE A 440 -5.11 18.80 -2.14
C PHE A 440 -4.62 17.41 -1.76
N SER A 441 -5.58 16.53 -1.47
CA SER A 441 -5.29 15.19 -0.97
C SER A 441 -5.36 14.16 -2.09
N THR A 442 -4.75 13.00 -1.82
CA THR A 442 -4.86 11.82 -2.69
C THR A 442 -6.06 10.99 -2.20
N SER A 443 -6.19 9.74 -2.64
CA SER A 443 -7.24 8.83 -2.15
C SER A 443 -7.00 8.23 -0.75
N VAL A 444 -6.02 8.76 0.01
CA VAL A 444 -5.81 8.42 1.42
C VAL A 444 -7.04 8.66 2.30
N ALA A 445 -7.74 9.77 2.06
CA ALA A 445 -8.81 10.25 2.94
C ALA A 445 -10.21 10.20 2.32
N GLU A 446 -10.37 9.49 1.20
CA GLU A 446 -11.68 9.35 0.56
C GLU A 446 -12.62 8.48 1.40
N GLU A 447 -12.06 7.44 2.04
CA GLU A 447 -12.77 6.64 3.05
C GLU A 447 -12.19 6.92 4.44
N GLY A 448 -13.07 7.09 5.43
CA GLY A 448 -12.68 7.19 6.84
C GLY A 448 -12.70 8.57 7.47
N LEU A 449 -12.19 9.57 6.75
CA LEU A 449 -12.00 10.92 7.31
C LEU A 449 -13.32 11.65 7.57
N ASP A 450 -13.70 11.75 8.85
CA ASP A 450 -14.89 12.48 9.28
C ASP A 450 -14.52 13.92 9.68
N ILE A 451 -15.04 14.90 8.94
CA ILE A 451 -14.91 16.31 9.28
C ILE A 451 -16.31 16.96 9.20
N PRO A 452 -16.96 17.19 10.36
CA PRO A 452 -18.29 17.83 10.42
C PRO A 452 -18.43 19.16 9.67
N GLU A 453 -17.37 19.99 9.71
CA GLU A 453 -17.40 21.34 9.13
C GLU A 453 -17.10 21.41 7.61
N CYS A 454 -16.73 20.28 6.99
CA CYS A 454 -16.43 20.24 5.55
C CYS A 454 -17.70 20.38 4.70
N ASN A 455 -17.61 21.17 3.63
CA ASN A 455 -18.77 21.44 2.76
C ASN A 455 -18.49 21.47 1.22
N ILE A 456 -17.28 21.13 0.79
CA ILE A 456 -16.90 21.16 -0.63
C ILE A 456 -16.04 19.94 -0.98
N VAL A 457 -16.29 19.37 -2.17
CA VAL A 457 -15.46 18.27 -2.72
C VAL A 457 -15.28 18.49 -4.22
N VAL A 458 -14.04 18.39 -4.69
CA VAL A 458 -13.70 18.60 -6.11
C VAL A 458 -12.82 17.44 -6.61
N ARG A 459 -13.45 16.40 -7.15
CA ARG A 459 -12.73 15.24 -7.68
C ARG A 459 -12.04 15.59 -9.00
N TYR A 460 -10.75 15.90 -8.91
CA TYR A 460 -9.98 16.46 -10.02
C TYR A 460 -9.46 15.40 -11.00
N GLY A 461 -10.22 15.16 -12.06
CA GLY A 461 -9.78 14.34 -13.20
C GLY A 461 -9.49 12.89 -12.88
N LEU A 462 -10.39 12.25 -12.14
CA LEU A 462 -10.24 10.85 -11.73
C LEU A 462 -11.02 9.91 -12.66
N MET A 463 -10.82 8.62 -12.47
CA MET A 463 -11.51 7.58 -13.24
C MET A 463 -11.63 6.30 -12.40
N THR A 464 -12.37 6.41 -11.30
CA THR A 464 -12.54 5.33 -10.32
C THR A 464 -13.97 4.77 -10.34
N ASN A 465 -14.16 3.66 -9.63
CA ASN A 465 -15.48 3.02 -9.48
C ASN A 465 -16.44 3.83 -8.59
N GLU A 466 -17.72 3.44 -8.60
CA GLU A 466 -18.76 4.16 -7.83
C GLU A 466 -18.66 4.01 -6.30
N ILE A 467 -17.85 3.07 -5.81
CA ILE A 467 -17.52 2.99 -4.37
C ILE A 467 -16.64 4.19 -4.00
N ALA A 468 -15.59 4.42 -4.77
CA ALA A 468 -14.69 5.58 -4.58
C ALA A 468 -15.38 6.93 -4.84
N MET A 469 -16.40 6.93 -5.70
CA MET A 469 -17.20 8.13 -5.98
C MET A 469 -18.10 8.49 -4.80
N VAL A 470 -18.90 7.52 -4.35
CA VAL A 470 -19.89 7.74 -3.26
C VAL A 470 -19.20 8.00 -1.92
N GLN A 471 -18.10 7.31 -1.65
CA GLN A 471 -17.28 7.57 -0.45
C GLN A 471 -16.65 8.98 -0.47
N ALA A 472 -16.23 9.43 -1.66
CA ALA A 472 -15.65 10.78 -1.82
C ALA A 472 -16.69 11.90 -1.62
N GLN A 473 -17.93 11.66 -2.06
CA GLN A 473 -19.05 12.60 -1.84
C GLN A 473 -19.36 12.81 -0.36
N GLY A 474 -19.19 11.76 0.45
CA GLY A 474 -19.55 11.79 1.87
C GLY A 474 -18.62 12.53 2.83
N ARG A 475 -17.49 13.04 2.34
CA ARG A 475 -16.53 13.77 3.19
C ARG A 475 -17.06 15.15 3.60
N ALA A 476 -17.85 15.77 2.74
CA ALA A 476 -18.56 17.01 3.08
C ALA A 476 -19.76 16.68 3.98
N ARG A 477 -19.57 16.82 5.29
CA ARG A 477 -20.58 16.48 6.30
C ARG A 477 -21.58 17.61 6.60
N ALA A 478 -21.32 18.81 6.08
CA ALA A 478 -22.16 19.98 6.36
C ALA A 478 -23.56 19.88 5.73
N GLN A 479 -24.43 20.83 6.08
CA GLN A 479 -25.83 20.84 5.64
C GLN A 479 -25.97 20.96 4.12
N ASN A 480 -25.45 22.05 3.56
CA ASN A 480 -25.51 22.33 2.13
C ASN A 480 -24.16 22.01 1.48
N SER A 481 -23.91 20.72 1.28
CA SER A 481 -22.65 20.23 0.73
C SER A 481 -22.62 20.33 -0.80
N MET A 482 -21.56 20.94 -1.33
CA MET A 482 -21.35 21.06 -2.77
C MET A 482 -20.53 19.87 -3.28
N TYR A 483 -20.70 19.54 -4.57
CA TYR A 483 -19.99 18.43 -5.19
C TYR A 483 -19.73 18.70 -6.69
N SER A 484 -18.47 19.01 -7.02
CA SER A 484 -18.03 19.26 -8.38
C SER A 484 -17.18 18.09 -8.89
N VAL A 485 -17.39 17.70 -10.15
CA VAL A 485 -16.60 16.65 -10.80
C VAL A 485 -15.78 17.30 -11.92
N LEU A 486 -14.60 17.80 -11.57
CA LEU A 486 -13.74 18.53 -12.50
C LEU A 486 -13.00 17.57 -13.43
N ALA A 487 -13.59 17.33 -14.60
CA ALA A 487 -12.98 16.51 -15.66
C ALA A 487 -13.16 17.18 -17.02
N LYS A 488 -12.42 16.70 -18.02
CA LYS A 488 -12.49 17.25 -19.38
C LYS A 488 -13.80 16.85 -20.07
N ALA A 489 -14.27 17.71 -20.99
CA ALA A 489 -15.52 17.50 -21.70
C ALA A 489 -15.46 16.32 -22.67
N ASN A 490 -16.59 15.63 -22.84
CA ASN A 490 -16.71 14.43 -23.68
C ASN A 490 -15.71 13.33 -23.30
N LEU A 506 -26.26 -3.97 -6.91
CA LEU A 506 -25.89 -5.35 -7.21
C LEU A 506 -25.52 -6.12 -5.95
N MET A 507 -24.61 -5.56 -5.16
CA MET A 507 -24.09 -6.18 -3.94
C MET A 507 -25.20 -6.44 -2.91
N GLU A 508 -26.05 -5.44 -2.72
CA GLU A 508 -27.14 -5.53 -1.73
C GLU A 508 -28.14 -6.65 -2.06
N ARG A 509 -28.41 -6.85 -3.35
CA ARG A 509 -29.25 -7.95 -3.82
C ARG A 509 -28.57 -9.31 -3.60
N ALA A 510 -27.26 -9.36 -3.83
CA ALA A 510 -26.47 -10.60 -3.68
C ALA A 510 -26.43 -11.12 -2.25
N ILE A 511 -26.28 -10.21 -1.27
CA ILE A 511 -26.19 -10.58 0.14
C ILE A 511 -27.51 -11.13 0.66
N ARG A 512 -28.62 -10.47 0.33
CA ARG A 512 -29.96 -10.94 0.70
C ARG A 512 -30.32 -12.28 0.04
N ALA A 513 -29.83 -12.49 -1.20
CA ALA A 513 -29.99 -13.78 -1.89
C ALA A 513 -29.23 -14.90 -1.19
N VAL A 514 -28.04 -14.58 -0.68
CA VAL A 514 -27.22 -15.52 0.12
C VAL A 514 -27.85 -15.75 1.50
N GLN A 515 -28.33 -14.68 2.13
CA GLN A 515 -29.04 -14.78 3.42
C GLN A 515 -30.31 -15.64 3.36
N ALA A 516 -30.98 -15.62 2.20
CA ALA A 516 -32.20 -16.40 1.97
C ALA A 516 -31.96 -17.80 1.37
N MET A 517 -30.71 -18.29 1.39
CA MET A 517 -30.41 -19.64 0.86
C MET A 517 -30.91 -20.73 1.80
N PRO A 518 -31.02 -21.98 1.28
CA PRO A 518 -31.25 -23.13 2.17
C PRO A 518 -30.01 -23.45 3.00
N GLU A 519 -30.22 -24.06 4.17
CA GLU A 519 -29.11 -24.40 5.07
C GLU A 519 -28.23 -25.53 4.51
N ARG A 520 -28.86 -26.53 3.89
CA ARG A 520 -28.13 -27.67 3.31
C ARG A 520 -27.28 -27.24 2.12
N LYS A 521 -27.87 -26.44 1.24
CA LYS A 521 -27.16 -25.89 0.07
C LYS A 521 -26.01 -24.95 0.48
N TYR A 522 -26.23 -24.17 1.54
CA TYR A 522 -25.21 -23.23 2.05
C TYR A 522 -24.02 -23.98 2.67
N ARG A 523 -24.29 -24.96 3.52
CA ARG A 523 -23.23 -25.76 4.16
C ARG A 523 -22.45 -26.66 3.19
N LEU A 524 -23.13 -27.17 2.16
CA LEU A 524 -22.48 -27.97 1.11
C LEU A 524 -21.62 -27.14 0.15
N LYS A 525 -22.02 -25.89 -0.09
CA LYS A 525 -21.25 -24.97 -0.93
C LYS A 525 -20.01 -24.45 -0.23
N ILE A 526 -20.16 -24.05 1.03
CA ILE A 526 -19.06 -23.48 1.83
C ILE A 526 -17.95 -24.50 2.09
N VAL A 527 -18.33 -25.72 2.44
CA VAL A 527 -17.35 -26.81 2.63
C VAL A 527 -16.59 -27.16 1.34
N GLU A 528 -17.21 -26.97 0.18
CA GLU A 528 -16.54 -27.13 -1.12
C GLU A 528 -15.50 -26.03 -1.35
N LEU A 529 -15.90 -24.78 -1.11
CA LEU A 529 -15.01 -23.62 -1.26
C LEU A 529 -13.85 -23.61 -0.26
N GLN A 530 -14.09 -24.15 0.95
CA GLN A 530 -13.04 -24.32 1.96
C GLN A 530 -12.02 -25.38 1.56
N ARG A 531 -12.50 -26.52 1.05
CA ARG A 531 -11.62 -27.57 0.53
C ARG A 531 -10.83 -27.11 -0.71
N ASN A 532 -11.41 -26.22 -1.50
CA ASN A 532 -10.75 -25.66 -2.69
C ASN A 532 -9.52 -24.82 -2.33
N ALA A 533 -9.72 -23.85 -1.43
CA ALA A 533 -8.66 -22.90 -1.04
C ALA A 533 -7.45 -23.56 -0.37
N VAL A 534 -7.72 -24.54 0.49
CA VAL A 534 -6.66 -25.27 1.21
C VAL A 534 -5.82 -26.12 0.23
N LEU A 535 -6.46 -26.68 -0.80
CA LEU A 535 -5.76 -27.40 -1.87
C LEU A 535 -4.98 -26.44 -2.79
N SER A 536 -5.57 -25.29 -3.09
CA SER A 536 -4.90 -24.22 -3.86
C SER A 536 -3.67 -23.66 -3.14
N TRP A 537 -3.72 -23.66 -1.81
CA TRP A 537 -2.61 -23.20 -0.98
C TRP A 537 -1.42 -24.15 -1.07
N GLN A 538 -1.64 -25.43 -0.78
CA GLN A 538 -0.59 -26.46 -0.85
C GLN A 538 0.09 -26.57 -2.22
N VAL A 539 -0.71 -26.42 -3.29
CA VAL A 539 -0.19 -26.39 -4.65
C VAL A 539 0.73 -25.18 -4.84
N LYS A 540 0.28 -24.02 -4.36
CA LYS A 540 1.04 -22.76 -4.51
C LYS A 540 2.33 -22.72 -3.69
N GLU A 541 2.31 -23.32 -2.50
CA GLU A 541 3.50 -23.43 -1.66
C GLU A 541 4.49 -24.46 -2.21
N ALA A 542 3.97 -25.58 -2.71
CA ALA A 542 4.79 -26.60 -3.36
C ALA A 542 5.41 -26.09 -4.66
N ARG A 543 4.61 -25.40 -5.47
CA ARG A 543 5.07 -24.77 -6.72
C ARG A 543 6.16 -23.73 -6.46
N SER A 544 6.03 -23.00 -5.35
CA SER A 544 7.07 -22.05 -4.91
C SER A 544 8.35 -22.76 -4.46
N SER A 545 8.19 -23.87 -3.73
CA SER A 545 9.33 -24.69 -3.30
C SER A 545 10.06 -25.35 -4.47
N GLU A 546 9.32 -25.70 -5.53
CA GLU A 546 9.93 -26.24 -6.75
C GLU A 546 10.87 -25.23 -7.41
N ARG A 547 10.38 -24.00 -7.60
CA ARG A 547 11.16 -22.93 -8.23
C ARG A 547 12.34 -22.48 -7.37
N ARG A 548 12.20 -22.59 -6.05
CA ARG A 548 13.25 -22.18 -5.10
C ARG A 548 14.46 -23.13 -5.07
N GLN A 549 14.24 -24.40 -5.41
CA GLN A 549 15.30 -25.43 -5.37
C GLN A 549 15.98 -25.71 -6.73
N LEU A 550 15.74 -24.86 -7.74
CA LEU A 550 16.28 -25.09 -9.08
C LEU A 550 17.81 -25.04 -9.08
N HIS A 551 18.37 -23.88 -8.76
CA HIS A 551 19.82 -23.67 -8.79
C HIS A 551 20.43 -23.78 -7.38
N ASP A 552 21.76 -23.73 -7.33
CA ASP A 552 22.51 -23.76 -6.06
C ASP A 552 22.85 -22.32 -5.65
N PRO A 553 23.14 -22.09 -4.35
CA PRO A 553 23.60 -20.74 -3.97
C PRO A 553 24.90 -20.30 -4.64
N ASP A 554 25.90 -21.18 -4.68
CA ASP A 554 27.21 -20.88 -5.29
C ASP A 554 27.11 -20.63 -6.80
N ASP A 555 26.19 -21.34 -7.47
CA ASP A 555 25.97 -21.20 -8.92
C ASP A 555 25.33 -19.86 -9.30
N VAL A 556 24.61 -19.24 -8.37
CA VAL A 556 23.91 -17.98 -8.62
C VAL A 556 24.79 -16.79 -8.24
N TYR A 557 25.03 -15.89 -9.19
CA TYR A 557 25.87 -14.69 -9.01
C TYR A 557 25.04 -13.42 -9.17
N PHE A 558 25.38 -12.40 -8.38
CA PHE A 558 24.69 -11.10 -8.41
C PHE A 558 25.53 -10.05 -9.14
N HIS A 559 24.88 -9.33 -10.07
CA HIS A 559 25.50 -8.23 -10.82
C HIS A 559 24.80 -6.92 -10.52
N CYS A 560 25.52 -5.80 -10.65
CA CYS A 560 24.95 -4.46 -10.53
C CYS A 560 24.01 -4.18 -11.71
N VAL A 561 22.79 -3.71 -11.42
CA VAL A 561 21.79 -3.44 -12.47
C VAL A 561 22.24 -2.39 -13.50
N ASN A 562 22.99 -1.39 -13.04
CA ASN A 562 23.41 -0.28 -13.89
C ASN A 562 24.60 -0.68 -14.77
N CYS A 563 25.71 -1.05 -14.14
CA CYS A 563 26.98 -1.28 -14.83
C CYS A 563 27.36 -2.77 -15.05
N ASN A 564 26.56 -3.69 -14.51
CA ASN A 564 26.73 -5.14 -14.73
C ASN A 564 28.06 -5.75 -14.22
N VAL A 565 28.68 -5.11 -13.24
CA VAL A 565 29.86 -5.69 -12.57
C VAL A 565 29.38 -6.74 -11.55
N ALA A 566 29.99 -7.92 -11.58
CA ALA A 566 29.66 -8.99 -10.63
C ALA A 566 30.16 -8.60 -9.24
N VAL A 567 29.34 -8.86 -8.22
CA VAL A 567 29.62 -8.39 -6.85
C VAL A 567 29.60 -9.49 -5.76
N CYS A 568 28.65 -10.42 -5.82
CA CYS A 568 28.53 -11.50 -4.83
C CYS A 568 27.74 -12.71 -5.32
N ARG A 569 27.82 -13.79 -4.55
CA ARG A 569 27.14 -15.04 -4.86
C ARG A 569 25.96 -15.28 -3.93
N GLY A 570 25.05 -16.17 -4.35
CA GLY A 570 23.87 -16.54 -3.54
C GLY A 570 24.17 -17.22 -2.21
N SER A 571 25.33 -17.87 -2.13
CA SER A 571 25.80 -18.48 -0.87
C SER A 571 26.12 -17.45 0.22
N ASP A 572 26.41 -16.21 -0.17
CA ASP A 572 26.70 -15.13 0.77
C ASP A 572 25.45 -14.60 1.51
N ILE A 573 24.27 -14.80 0.94
CA ILE A 573 23.04 -14.15 1.42
C ILE A 573 22.44 -14.90 2.63
N ARG A 574 21.90 -14.14 3.58
CA ARG A 574 21.13 -14.68 4.70
C ARG A 574 19.91 -13.77 4.94
N THR A 575 18.79 -14.39 5.34
CA THR A 575 17.56 -13.65 5.66
C THR A 575 17.49 -13.33 7.15
N VAL A 576 17.27 -12.06 7.49
CA VAL A 576 17.05 -11.63 8.87
C VAL A 576 15.55 -11.39 9.07
N GLU A 577 14.95 -12.20 9.94
CA GLU A 577 13.50 -12.17 10.22
C GLU A 577 12.63 -12.45 8.97
N ALA A 578 13.14 -13.31 8.09
CA ALA A 578 12.47 -13.70 6.84
C ALA A 578 12.08 -12.51 5.95
N MET A 579 12.95 -11.52 5.87
CA MET A 579 12.67 -10.26 5.16
C MET A 579 13.93 -9.61 4.61
N HIS A 580 14.83 -9.23 5.51
CA HIS A 580 16.01 -8.44 5.16
C HIS A 580 17.13 -9.37 4.73
N HIS A 581 17.56 -9.22 3.46
CA HIS A 581 18.57 -10.07 2.86
C HIS A 581 19.95 -9.41 2.92
N VAL A 582 20.85 -10.00 3.73
CA VAL A 582 22.16 -9.42 4.03
C VAL A 582 23.32 -10.35 3.62
N ASN A 583 24.37 -9.74 3.08
CA ASN A 583 25.58 -10.44 2.67
C ASN A 583 26.53 -10.53 3.86
N ILE A 584 26.82 -11.75 4.32
CA ILE A 584 27.71 -11.97 5.47
C ILE A 584 29.19 -12.17 5.11
N ASN A 585 29.53 -12.12 3.82
CA ASN A 585 30.93 -12.26 3.37
C ASN A 585 31.68 -10.96 3.69
N PRO A 586 32.79 -11.05 4.45
CA PRO A 586 33.53 -9.82 4.81
C PRO A 586 34.19 -9.11 3.62
N ASN A 587 34.51 -9.84 2.55
CA ASN A 587 35.12 -9.27 1.35
C ASN A 587 34.15 -8.46 0.48
N PHE A 588 32.84 -8.53 0.77
CA PHE A 588 31.82 -7.75 0.08
C PHE A 588 31.96 -6.23 0.31
N ARG A 589 32.54 -5.83 1.46
CA ARG A 589 32.69 -4.42 1.84
C ARG A 589 33.51 -3.53 0.87
N PHE A 590 34.37 -4.14 0.05
CA PHE A 590 35.12 -3.40 -0.98
C PHE A 590 34.17 -2.85 -2.06
N TYR A 591 33.16 -3.64 -2.40
CA TYR A 591 32.29 -3.35 -3.54
C TYR A 591 31.29 -2.22 -3.30
N TYR A 592 30.75 -2.13 -2.08
CA TYR A 592 29.81 -1.04 -1.73
C TYR A 592 30.48 0.09 -0.95
N THR A 593 30.02 1.32 -1.22
CA THR A 593 30.49 2.52 -0.54
C THR A 593 29.32 3.16 0.22
N VAL A 594 29.60 3.70 1.41
CA VAL A 594 28.57 4.33 2.26
C VAL A 594 28.36 5.78 1.77
N SER A 595 27.18 6.05 1.20
CA SER A 595 26.94 7.34 0.53
C SER A 595 26.62 8.48 1.50
N SER A 596 25.39 8.49 2.02
CA SER A 596 24.87 9.59 2.84
C SER A 596 24.93 9.25 4.33
N GLY A 597 24.34 10.12 5.17
CA GLY A 597 24.21 9.86 6.60
C GLY A 597 23.15 8.80 6.93
N LYS A 598 22.98 8.54 8.22
CA LYS A 598 22.05 7.50 8.69
C LYS A 598 20.59 7.91 8.50
N ILE A 599 19.77 6.93 8.15
CA ILE A 599 18.34 7.16 7.87
C ILE A 599 17.57 7.04 9.18
N HIS A 600 16.56 7.90 9.34
CA HIS A 600 15.72 7.93 10.54
C HIS A 600 14.27 7.63 10.18
N PHE A 601 13.73 6.58 10.79
CA PHE A 601 12.29 6.29 10.72
C PHE A 601 11.65 6.77 12.02
N GLU A 602 10.33 6.88 12.02
CA GLU A 602 9.57 7.26 13.23
C GLU A 602 9.47 6.13 14.26
N ARG A 603 9.84 4.91 13.88
CA ARG A 603 9.71 3.72 14.74
C ARG A 603 11.08 3.12 15.09
N THR A 604 11.11 2.39 16.22
CA THR A 604 12.27 1.62 16.65
C THR A 604 11.96 0.11 16.59
N PHE A 605 12.96 -0.70 16.25
CA PHE A 605 12.82 -2.16 16.20
C PHE A 605 13.42 -2.84 17.45
N ARG A 606 13.26 -4.17 17.52
CA ARG A 606 13.76 -4.96 18.65
C ARG A 606 15.27 -5.13 18.64
N ASP A 607 15.78 -5.78 17.60
CA ASP A 607 17.18 -6.23 17.56
C ASP A 607 18.14 -5.31 16.79
N TRP A 608 17.64 -4.55 15.83
CA TRP A 608 18.49 -3.78 14.92
C TRP A 608 17.99 -2.36 14.68
N GLU A 609 18.77 -1.57 13.93
CA GLU A 609 18.40 -0.20 13.55
C GLU A 609 19.04 0.20 12.22
N PRO A 610 18.35 1.05 11.42
CA PRO A 610 18.75 1.33 10.04
C PRO A 610 19.96 2.24 9.90
N GLY A 611 21.08 1.69 9.41
CA GLY A 611 22.30 2.48 9.18
C GLY A 611 22.21 3.39 7.97
N CYS A 612 23.37 3.75 7.41
CA CYS A 612 23.44 4.60 6.22
C CYS A 612 23.07 3.83 4.96
N ARG A 613 22.79 4.58 3.90
CA ARG A 613 22.61 4.00 2.55
C ARG A 613 23.93 3.43 2.01
N ILE A 614 23.84 2.62 0.96
CA ILE A 614 25.02 2.07 0.28
C ILE A 614 24.86 2.13 -1.25
N VAL A 615 25.99 2.33 -1.95
CA VAL A 615 26.00 2.48 -3.41
C VAL A 615 27.15 1.70 -4.06
N CYS A 616 27.11 1.60 -5.39
CA CYS A 616 28.15 0.94 -6.18
C CYS A 616 29.45 1.76 -6.13
N SER A 617 30.58 1.09 -5.90
CA SER A 617 31.89 1.76 -5.83
C SER A 617 32.26 2.47 -7.14
N GLU A 618 31.98 1.83 -8.27
CA GLU A 618 32.34 2.34 -9.59
C GLU A 618 31.32 3.32 -10.18
N CYS A 619 30.03 2.94 -10.16
CA CYS A 619 28.98 3.69 -10.88
C CYS A 619 27.96 4.42 -9.99
N ARG A 620 28.08 4.31 -8.66
CA ARG A 620 27.20 5.00 -7.70
C ARG A 620 25.68 4.75 -7.85
N GLN A 621 25.31 3.53 -8.26
CA GLN A 621 23.89 3.12 -8.27
C GLN A 621 23.49 2.75 -6.85
N GLU A 622 22.24 3.08 -6.48
CA GLU A 622 21.70 2.75 -5.17
C GLU A 622 21.48 1.23 -5.05
N TRP A 623 22.08 0.62 -4.04
CA TRP A 623 21.97 -0.83 -3.80
C TRP A 623 20.94 -1.13 -2.71
N GLY A 624 21.09 -0.48 -1.56
CA GLY A 624 20.18 -0.67 -0.44
C GLY A 624 20.56 0.20 0.75
N MET A 625 20.75 -0.43 1.91
CA MET A 625 21.19 0.26 3.12
C MET A 625 21.88 -0.70 4.08
N GLU A 626 22.23 -0.22 5.26
CA GLU A 626 22.86 -1.03 6.30
C GLU A 626 21.85 -1.51 7.34
N MET A 627 22.28 -2.50 8.13
CA MET A 627 21.56 -2.96 9.31
C MET A 627 22.55 -2.99 10.46
N ILE A 628 22.35 -2.14 11.45
CA ILE A 628 23.18 -2.15 12.66
C ILE A 628 22.53 -3.14 13.63
N TYR A 629 22.76 -4.42 13.39
CA TYR A 629 22.14 -5.50 14.18
C TYR A 629 22.89 -5.67 15.51
N ARG A 630 22.26 -5.20 16.58
CA ARG A 630 22.83 -5.23 17.94
C ARG A 630 24.22 -4.58 18.05
N ASN A 631 25.28 -5.35 17.74
CA ASN A 631 26.67 -4.86 17.82
C ASN A 631 27.47 -4.99 16.52
N VAL A 632 26.83 -5.42 15.42
CA VAL A 632 27.51 -5.65 14.14
C VAL A 632 26.76 -5.01 12.98
N THR A 633 27.51 -4.35 12.08
CA THR A 633 26.94 -3.78 10.86
C THR A 633 26.79 -4.90 9.82
N LEU A 634 25.72 -4.82 9.04
CA LEU A 634 25.45 -5.78 7.96
C LEU A 634 24.86 -5.03 6.75
N PRO A 635 25.28 -5.38 5.51
CA PRO A 635 24.76 -4.70 4.33
C PRO A 635 23.43 -5.30 3.84
N ILE A 636 22.34 -4.52 3.91
CA ILE A 636 21.04 -4.94 3.39
C ILE A 636 21.01 -4.73 1.88
N LEU A 637 20.49 -5.72 1.16
CA LEU A 637 20.42 -5.70 -0.31
C LEU A 637 18.97 -5.62 -0.78
N SER A 638 18.71 -4.79 -1.79
CA SER A 638 17.42 -4.73 -2.47
C SER A 638 17.53 -5.41 -3.83
N ILE A 639 16.70 -6.43 -4.06
CA ILE A 639 16.75 -7.22 -5.29
C ILE A 639 16.41 -6.42 -6.57
N LYS A 640 15.64 -5.34 -6.42
CA LYS A 640 15.30 -4.45 -7.54
C LYS A 640 16.53 -3.84 -8.25
N ASN A 641 17.61 -3.62 -7.49
CA ASN A 641 18.84 -2.99 -8.00
C ASN A 641 19.95 -3.99 -8.40
N PHE A 642 19.61 -5.26 -8.63
CA PHE A 642 20.57 -6.26 -9.10
C PHE A 642 19.99 -7.18 -10.18
N VAL A 643 20.85 -7.58 -11.11
CA VAL A 643 20.51 -8.58 -12.14
C VAL A 643 21.15 -9.90 -11.70
N VAL A 644 20.32 -10.86 -11.34
CA VAL A 644 20.79 -12.15 -10.80
C VAL A 644 21.11 -13.09 -11.97
N VAL A 645 22.37 -13.48 -12.06
CA VAL A 645 22.83 -14.44 -13.07
C VAL A 645 22.77 -15.84 -12.49
N THR A 646 22.27 -16.79 -13.30
CA THR A 646 22.12 -18.19 -12.91
C THR A 646 22.70 -19.11 -13.98
N PRO A 647 22.74 -20.44 -13.73
CA PRO A 647 23.06 -21.40 -14.78
C PRO A 647 22.22 -21.25 -16.07
N ASP A 648 20.93 -21.03 -15.92
CA ASP A 648 20.00 -20.95 -17.06
C ASP A 648 19.97 -19.57 -17.70
N GLU A 649 19.59 -18.57 -16.90
CA GLU A 649 19.21 -17.24 -17.41
C GLU A 649 19.70 -16.09 -16.52
N LYS A 650 19.66 -14.89 -17.07
CA LYS A 650 19.93 -13.66 -16.33
C LYS A 650 18.61 -12.92 -16.20
N LYS A 651 18.19 -12.66 -14.95
CA LYS A 651 16.88 -12.07 -14.68
C LYS A 651 16.97 -10.87 -13.72
N LYS A 652 16.04 -9.94 -13.87
CA LYS A 652 15.89 -8.77 -13.01
C LYS A 652 14.74 -9.04 -12.04
N TYR A 653 15.05 -9.69 -10.92
CA TYR A 653 14.04 -10.05 -9.91
C TYR A 653 13.54 -8.82 -9.15
N LYS A 654 12.23 -8.75 -8.93
CA LYS A 654 11.63 -7.71 -8.07
C LYS A 654 11.32 -8.21 -6.66
N LYS A 655 10.96 -9.49 -6.53
CA LYS A 655 10.66 -10.11 -5.22
C LYS A 655 11.69 -11.18 -4.88
N TRP A 656 12.01 -11.31 -3.59
CA TRP A 656 12.89 -12.38 -3.10
C TRP A 656 12.19 -13.73 -3.01
N SER A 657 10.86 -13.75 -3.00
CA SER A 657 10.09 -14.99 -2.97
C SER A 657 10.23 -15.82 -4.26
N THR A 658 10.47 -15.15 -5.38
CA THR A 658 10.59 -15.80 -6.69
C THR A 658 12.02 -16.26 -7.08
N VAL A 659 13.02 -15.99 -6.24
CA VAL A 659 14.41 -16.39 -6.54
C VAL A 659 14.57 -17.91 -6.56
N THR A 660 15.59 -18.36 -7.31
CA THR A 660 15.76 -19.77 -7.66
C THR A 660 16.92 -20.46 -6.94
N PHE A 661 17.10 -20.14 -5.66
CA PHE A 661 18.11 -20.81 -4.82
C PHE A 661 17.79 -20.66 -3.33
N PRO A 662 18.09 -21.69 -2.51
CA PRO A 662 17.73 -21.64 -1.09
C PRO A 662 18.59 -20.66 -0.30
N ILE A 663 17.95 -19.89 0.59
CA ILE A 663 18.62 -18.88 1.41
C ILE A 663 18.34 -19.17 2.89
N GLU A 664 19.39 -19.40 3.67
CA GLU A 664 19.28 -19.79 5.07
C GLU A 664 18.98 -18.59 5.97
N GLU A 665 18.47 -18.89 7.16
CA GLU A 665 18.18 -17.87 8.18
C GLU A 665 19.48 -17.36 8.80
N PHE A 666 19.54 -16.06 9.08
CA PHE A 666 20.70 -15.45 9.73
C PHE A 666 20.75 -15.84 11.20
N SER A 667 21.96 -16.13 11.70
CA SER A 667 22.20 -16.41 13.11
C SER A 667 23.25 -15.44 13.64
N TYR A 668 22.93 -14.77 14.75
CA TYR A 668 23.83 -13.83 15.40
C TYR A 668 25.00 -14.55 16.08
N LEU A 669 24.72 -15.73 16.64
CA LEU A 669 25.75 -16.58 17.25
C LEU A 669 26.75 -17.12 16.22
N GLU A 670 26.27 -17.41 15.01
CA GLU A 670 27.10 -17.92 13.92
C GLU A 670 28.04 -16.85 13.34
N TYR A 671 27.48 -15.67 13.06
CA TYR A 671 28.24 -14.57 12.44
C TYR A 671 29.30 -13.98 13.36
N CYS A 672 28.99 -13.86 14.66
CA CYS A 672 29.95 -13.36 15.65
C CYS A 672 31.13 -14.31 15.87
N SER A 673 30.87 -15.62 15.87
CA SER A 673 31.91 -16.63 16.04
C SER A 673 32.90 -16.69 14.87
N SER A 674 32.37 -16.64 13.65
CA SER A 674 33.19 -16.72 12.43
C SER A 674 34.04 -15.47 12.17
N THR A 675 33.48 -14.29 12.42
CA THR A 675 34.18 -13.02 12.19
C THR A 675 35.28 -12.73 13.22
N GLN A 676 34.96 -12.94 14.50
CA GLN A 676 35.91 -12.72 15.60
C GLN A 676 36.98 -13.82 15.62
#